data_9L0V
#
_entry.id   9L0V
#
_cell.length_a   112.395
_cell.length_b   46.613
_cell.length_c   64.854
_cell.angle_alpha   90.00
_cell.angle_beta   111.94
_cell.angle_gamma   90.00
#
_symmetry.space_group_name_H-M   'C 1 2 1'
#
loop_
_entity.id
_entity.type
_entity.pdbx_description
1 polymer 'WD repeat-containing protein 5'
2 polymer 'Zinc finger and SCAN domain-containing protein 10'
3 water water
#
loop_
_entity_poly.entity_id
_entity_poly.type
_entity_poly.pdbx_seq_one_letter_code
_entity_poly.pdbx_strand_id
1 'polypeptide(L)'
;GSHMTQSKPTPVKPNYALKFTLAGHTKAVSSVKFSPNGEWLASSSADKLIKIWGAYDGKFEKTISGHKLGISDVAWSSDS
NLLVSASDDKTLKIWDVSSGKCLKTLKGHSNYVFCCNFNPQSNLIVSGSFDESVRIWDVKTGKCLKTLPAHSDPVSAVHF
NRDGSLIVSSSYDGLCRIWDTASGQCLKTLIDDDNPPVSFVKFSPNGKYILAATLDNTLKLWDYSKGKCLKTYTGHKNEK
YCIFANFSVTGGKWIVSGSEDNLVYIWNLQTKEIVQKLQGHTDVVISTACHPTENIIASAALENDKTIKLWKSDC
;
A
2 'polypeptide(L)' MRTHTD C
#
# COMPACT_ATOMS: atom_id res chain seq x y z
N VAL A 12 -6.30 -21.84 15.71
CA VAL A 12 -5.11 -21.79 14.86
C VAL A 12 -4.55 -20.37 14.87
N LYS A 13 -3.25 -20.25 15.14
CA LYS A 13 -2.59 -18.96 15.24
C LYS A 13 -1.25 -19.05 14.52
N PRO A 14 -0.78 -17.96 13.92
CA PRO A 14 0.54 -17.96 13.31
C PRO A 14 1.64 -17.75 14.34
N ASN A 15 2.88 -17.92 13.90
CA ASN A 15 4.04 -17.79 14.78
C ASN A 15 5.16 -17.00 14.11
N TYR A 16 4.81 -15.86 13.53
CA TYR A 16 5.80 -15.04 12.84
C TYR A 16 6.95 -14.68 13.79
N ALA A 17 8.18 -14.88 13.33
CA ALA A 17 9.37 -14.58 14.08
C ALA A 17 10.31 -13.78 13.19
N LEU A 18 11.00 -12.80 13.79
CA LEU A 18 11.93 -11.97 13.06
C LEU A 18 13.04 -12.84 12.48
N LYS A 19 13.34 -12.66 11.20
CA LYS A 19 14.42 -13.38 10.57
C LYS A 19 15.51 -12.46 10.03
N PHE A 20 15.16 -11.24 9.60
CA PHE A 20 16.14 -10.30 9.07
C PHE A 20 15.69 -8.88 9.35
N THR A 21 16.66 -7.99 9.60
CA THR A 21 16.42 -6.56 9.65
C THR A 21 17.22 -5.94 8.50
N LEU A 22 16.56 -5.14 7.66
CA LEU A 22 17.19 -4.57 6.47
C LEU A 22 17.36 -3.07 6.68
N ALA A 23 18.60 -2.64 6.85
CA ALA A 23 18.89 -1.22 7.02
C ALA A 23 19.59 -0.69 5.77
N GLY A 24 19.49 0.61 5.60
CA GLY A 24 20.06 1.34 4.48
C GLY A 24 19.34 2.61 4.11
N HIS A 25 18.03 2.71 4.35
CA HIS A 25 17.37 3.98 4.10
C HIS A 25 17.82 4.99 5.15
N THR A 26 17.91 6.26 4.75
CA THR A 26 18.42 7.32 5.62
C THR A 26 17.34 8.24 6.16
N LYS A 27 16.09 8.10 5.73
CA LYS A 27 14.94 8.68 6.40
C LYS A 27 13.90 7.59 6.62
N ALA A 28 12.76 7.98 7.17
CA ALA A 28 11.67 7.02 7.36
C ALA A 28 11.36 6.28 6.06
N VAL A 29 11.04 4.98 6.20
CA VAL A 29 10.49 4.17 5.12
C VAL A 29 9.01 4.48 4.99
N SER A 30 8.48 4.46 3.75
CA SER A 30 7.06 4.71 3.53
C SER A 30 6.27 3.49 3.09
N SER A 31 6.86 2.57 2.34
CA SER A 31 6.14 1.47 1.73
C SER A 31 7.08 0.33 1.39
N VAL A 32 6.64 -0.91 1.67
CA VAL A 32 7.28 -2.13 1.20
C VAL A 32 6.26 -2.96 0.42
N LYS A 33 6.73 -3.60 -0.67
CA LYS A 33 5.90 -4.50 -1.47
C LYS A 33 6.75 -5.67 -1.96
N PHE A 34 6.18 -6.87 -1.97
CA PHE A 34 6.86 -8.05 -2.51
C PHE A 34 6.61 -8.12 -4.00
N SER A 35 7.65 -8.41 -4.76
CA SER A 35 7.47 -8.68 -6.18
C SER A 35 6.50 -9.85 -6.35
N PRO A 36 5.65 -9.82 -7.37
CA PRO A 36 4.73 -10.96 -7.58
C PRO A 36 5.43 -12.29 -7.82
N ASN A 37 6.60 -12.29 -8.46
CA ASN A 37 7.29 -13.56 -8.59
C ASN A 37 7.94 -14.08 -7.25
N GLY A 38 7.69 -13.33 -6.18
CA GLY A 38 8.09 -13.74 -4.85
C GLY A 38 9.54 -13.46 -4.45
N GLU A 39 10.39 -12.98 -5.35
CA GLU A 39 11.78 -13.04 -4.94
C GLU A 39 12.35 -11.73 -4.44
N TRP A 40 11.67 -10.61 -4.68
CA TRP A 40 12.20 -9.36 -4.18
C TRP A 40 11.21 -8.62 -3.29
N LEU A 41 11.77 -7.77 -2.46
CA LEU A 41 11.03 -6.73 -1.75
C LEU A 41 11.48 -5.38 -2.29
N ALA A 42 10.53 -4.51 -2.62
CA ALA A 42 10.87 -3.12 -2.89
C ALA A 42 10.44 -2.26 -1.71
N SER A 43 11.23 -1.23 -1.45
CA SER A 43 10.94 -0.27 -0.40
C SER A 43 11.09 1.15 -0.94
N SER A 44 10.19 2.03 -0.50
CA SER A 44 10.30 3.46 -0.81
C SER A 44 10.58 4.19 0.50
N SER A 45 11.16 5.37 0.40
CA SER A 45 11.48 6.10 1.62
C SER A 45 11.28 7.59 1.43
N ALA A 46 11.12 8.30 2.56
CA ALA A 46 11.25 9.76 2.55
C ALA A 46 12.63 10.20 2.10
N ASP A 47 13.62 9.28 2.05
CA ASP A 47 14.96 9.65 1.59
C ASP A 47 15.07 9.73 0.08
N LYS A 48 13.94 9.66 -0.64
CA LYS A 48 13.83 9.88 -2.08
C LYS A 48 14.25 8.66 -2.86
N LEU A 49 14.45 7.54 -2.18
CA LEU A 49 15.04 6.36 -2.78
C LEU A 49 14.09 5.18 -2.75
N ILE A 50 14.30 4.29 -3.71
CA ILE A 50 13.70 2.96 -3.74
C ILE A 50 14.85 1.99 -3.54
N LYS A 51 14.66 0.98 -2.71
CA LYS A 51 15.67 -0.06 -2.63
C LYS A 51 15.03 -1.42 -2.88
N ILE A 52 15.85 -2.33 -3.44
CA ILE A 52 15.44 -3.68 -3.79
C ILE A 52 16.24 -4.64 -2.93
N TRP A 53 15.52 -5.58 -2.29
CA TRP A 53 16.07 -6.56 -1.38
C TRP A 53 15.62 -7.97 -1.79
N GLY A 54 16.44 -8.97 -1.47
CA GLY A 54 16.00 -10.35 -1.63
C GLY A 54 14.92 -10.70 -0.63
N ALA A 55 13.81 -11.25 -1.12
CA ALA A 55 12.64 -11.45 -0.25
C ALA A 55 12.89 -12.46 0.85
N TYR A 56 13.81 -13.40 0.63
CA TYR A 56 13.98 -14.56 1.50
C TYR A 56 15.18 -14.45 2.42
N ASP A 57 16.22 -13.69 2.03
CA ASP A 57 17.37 -13.49 2.88
C ASP A 57 17.63 -12.02 3.18
N GLY A 58 16.79 -11.11 2.70
CA GLY A 58 17.01 -9.71 2.98
C GLY A 58 18.25 -9.15 2.34
N LYS A 59 18.85 -9.84 1.37
CA LYS A 59 20.05 -9.31 0.73
C LYS A 59 19.78 -8.00 0.02
N PHE A 60 20.49 -6.95 0.40
CA PHE A 60 20.43 -5.71 -0.36
C PHE A 60 20.86 -5.97 -1.78
N GLU A 61 20.00 -5.59 -2.73
CA GLU A 61 20.29 -5.73 -4.14
C GLU A 61 20.64 -4.41 -4.80
N LYS A 62 19.79 -3.40 -4.67
CA LYS A 62 20.16 -2.19 -5.38
C LYS A 62 19.35 -1.00 -4.87
N THR A 63 19.85 0.18 -5.18
CA THR A 63 19.15 1.44 -4.93
C THR A 63 18.76 2.05 -6.27
N ILE A 64 17.53 2.56 -6.34
CA ILE A 64 16.98 3.19 -7.52
C ILE A 64 16.62 4.62 -7.14
N SER A 65 17.18 5.57 -7.89
CA SER A 65 17.21 6.97 -7.51
C SER A 65 16.74 7.81 -8.68
N GLY A 66 16.26 9.01 -8.37
CA GLY A 66 15.91 9.98 -9.39
C GLY A 66 14.76 10.92 -9.04
N HIS A 67 13.84 10.49 -8.18
CA HIS A 67 12.83 11.40 -7.66
C HIS A 67 13.52 12.55 -6.94
N LYS A 68 12.97 13.75 -7.09
CA LYS A 68 13.53 14.95 -6.47
C LYS A 68 13.08 15.17 -5.04
N LEU A 69 12.03 14.49 -4.59
CA LEU A 69 11.57 14.58 -3.21
C LEU A 69 11.21 13.17 -2.77
N GLY A 70 10.72 13.04 -1.54
CA GLY A 70 10.47 11.72 -0.98
C GLY A 70 9.42 10.95 -1.74
N ILE A 71 9.41 9.64 -1.51
CA ILE A 71 8.49 8.70 -2.15
C ILE A 71 7.59 8.09 -1.09
N SER A 72 6.26 8.17 -1.30
CA SER A 72 5.29 7.65 -0.35
C SER A 72 4.79 6.24 -0.66
N ASP A 73 4.97 5.76 -1.89
CA ASP A 73 4.44 4.46 -2.30
C ASP A 73 5.25 3.92 -3.48
N VAL A 74 5.18 2.60 -3.66
CA VAL A 74 5.83 1.93 -4.78
C VAL A 74 5.04 0.67 -5.07
N ALA A 75 5.01 0.28 -6.36
CA ALA A 75 4.20 -0.88 -6.74
C ALA A 75 4.84 -1.59 -7.93
N TRP A 76 4.69 -2.92 -7.95
CA TRP A 76 5.23 -3.80 -8.97
C TRP A 76 4.23 -4.08 -10.10
N SER A 77 4.74 -4.19 -11.32
CA SER A 77 3.95 -4.74 -12.41
C SER A 77 3.74 -6.24 -12.20
N SER A 78 2.73 -6.79 -12.91
CA SER A 78 2.39 -8.21 -12.76
C SER A 78 3.57 -9.12 -13.06
N ASP A 79 4.40 -8.74 -14.02
CA ASP A 79 5.48 -9.62 -14.40
C ASP A 79 6.76 -9.43 -13.58
N SER A 80 6.73 -8.55 -12.57
CA SER A 80 7.83 -8.27 -11.66
C SER A 80 8.97 -7.52 -12.34
N ASN A 81 8.77 -7.00 -13.55
CA ASN A 81 9.85 -6.35 -14.26
C ASN A 81 9.89 -4.84 -14.06
N LEU A 82 8.78 -4.21 -13.69
CA LEU A 82 8.70 -2.77 -13.56
C LEU A 82 8.27 -2.40 -12.16
N LEU A 83 8.63 -1.19 -11.74
CA LEU A 83 8.01 -0.57 -10.58
C LEU A 83 7.45 0.80 -10.96
N VAL A 84 6.42 1.22 -10.26
CA VAL A 84 5.99 2.62 -10.31
C VAL A 84 6.14 3.17 -8.89
N SER A 85 6.60 4.41 -8.79
CA SER A 85 6.73 5.09 -7.52
C SER A 85 5.97 6.41 -7.56
N ALA A 86 5.44 6.82 -6.40
CA ALA A 86 4.66 8.04 -6.21
C ALA A 86 5.40 8.97 -5.26
N SER A 87 5.66 10.21 -5.71
CA SER A 87 6.56 11.09 -5.00
C SER A 87 5.93 12.43 -4.67
N ASP A 88 6.45 13.06 -3.61
CA ASP A 88 6.10 14.45 -3.30
C ASP A 88 6.60 15.41 -4.37
N ASP A 89 7.50 14.97 -5.25
CA ASP A 89 7.86 15.88 -6.34
C ASP A 89 6.74 16.03 -7.40
N LYS A 90 5.53 15.56 -7.10
CA LYS A 90 4.30 15.68 -7.91
C LYS A 90 4.30 14.71 -9.10
N THR A 91 5.30 13.85 -9.23
CA THR A 91 5.32 12.89 -10.33
C THR A 91 5.22 11.46 -9.80
N LEU A 92 4.90 10.55 -10.72
CA LEU A 92 5.21 9.15 -10.56
C LEU A 92 6.33 8.80 -11.52
N LYS A 93 7.08 7.76 -11.20
CA LYS A 93 8.10 7.30 -12.14
C LYS A 93 7.96 5.81 -12.34
N ILE A 94 8.11 5.40 -13.60
CA ILE A 94 8.12 3.98 -13.98
C ILE A 94 9.57 3.60 -14.22
N TRP A 95 9.98 2.51 -13.57
CA TRP A 95 11.35 2.04 -13.48
C TRP A 95 11.44 0.63 -14.06
N ASP A 96 12.50 0.39 -14.82
CA ASP A 96 12.95 -0.95 -15.17
C ASP A 96 13.74 -1.51 -14.01
N VAL A 97 13.24 -2.57 -13.37
CA VAL A 97 13.85 -3.01 -12.11
C VAL A 97 15.28 -3.53 -12.35
N SER A 98 15.49 -4.27 -13.42
CA SER A 98 16.79 -4.91 -13.60
C SER A 98 17.87 -3.89 -13.92
N SER A 99 17.56 -2.88 -14.73
CA SER A 99 18.52 -1.83 -15.08
C SER A 99 18.56 -0.67 -14.09
N GLY A 100 17.51 -0.45 -13.30
CA GLY A 100 17.40 0.71 -12.45
C GLY A 100 16.99 2.00 -13.14
N LYS A 101 16.75 1.97 -14.45
CA LYS A 101 16.53 3.21 -15.20
C LYS A 101 15.09 3.68 -15.08
N CYS A 102 14.94 5.00 -15.07
CA CYS A 102 13.60 5.60 -15.17
C CYS A 102 13.11 5.48 -16.61
N LEU A 103 12.07 4.67 -16.82
CA LEU A 103 11.52 4.58 -18.17
C LEU A 103 10.59 5.75 -18.47
N LYS A 104 9.76 6.14 -17.52
CA LYS A 104 8.83 7.23 -17.82
C LYS A 104 8.61 8.05 -16.56
N THR A 105 8.33 9.34 -16.74
CA THR A 105 7.92 10.21 -15.65
C THR A 105 6.51 10.69 -15.91
N LEU A 106 5.60 10.38 -15.01
CA LEU A 106 4.18 10.67 -15.16
C LEU A 106 3.90 11.99 -14.45
N LYS A 107 3.68 13.02 -15.24
CA LYS A 107 3.44 14.38 -14.80
C LYS A 107 2.00 14.77 -15.11
N GLY A 108 1.44 15.59 -14.23
CA GLY A 108 0.08 16.05 -14.31
C GLY A 108 -0.57 16.28 -12.97
N HIS A 109 -0.22 15.52 -11.92
CA HIS A 109 -0.72 15.88 -10.60
C HIS A 109 -0.16 17.24 -10.18
N SER A 110 -0.95 18.01 -9.45
CA SER A 110 -0.56 19.35 -9.00
C SER A 110 -0.12 19.38 -7.55
N ASN A 111 0.06 18.23 -6.92
CA ASN A 111 0.53 18.18 -5.55
C ASN A 111 1.10 16.78 -5.33
N TYR A 112 1.50 16.47 -4.08
CA TYR A 112 2.12 15.19 -3.76
C TYR A 112 1.36 14.03 -4.40
N VAL A 113 2.08 13.05 -4.93
CA VAL A 113 1.45 11.78 -5.31
C VAL A 113 1.64 10.84 -4.12
N PHE A 114 0.55 10.31 -3.61
CA PHE A 114 0.56 9.55 -2.37
C PHE A 114 0.57 8.04 -2.58
N CYS A 115 -0.07 7.55 -3.63
CA CYS A 115 -0.33 6.12 -3.76
C CYS A 115 -0.40 5.73 -5.23
N CYS A 116 -0.10 4.46 -5.52
CA CYS A 116 -0.08 4.00 -6.90
C CYS A 116 -0.24 2.48 -6.95
N ASN A 117 -0.68 2.00 -8.12
CA ASN A 117 -0.84 0.56 -8.36
C ASN A 117 -0.95 0.29 -9.86
N PHE A 118 -0.41 -0.87 -10.28
CA PHE A 118 -0.68 -1.36 -11.64
C PHE A 118 -2.01 -2.08 -11.65
N ASN A 119 -2.68 -2.09 -12.81
CA ASN A 119 -3.76 -3.05 -12.98
C ASN A 119 -3.15 -4.42 -13.26
N PRO A 120 -3.96 -5.50 -13.19
CA PRO A 120 -3.41 -6.84 -13.47
C PRO A 120 -2.74 -6.96 -14.82
N GLN A 121 -3.30 -6.28 -15.82
CA GLN A 121 -2.75 -6.29 -17.17
C GLN A 121 -1.40 -5.62 -17.20
N SER A 122 -1.17 -4.74 -16.23
CA SER A 122 -0.03 -3.83 -16.14
C SER A 122 0.11 -2.97 -17.39
N ASN A 123 -1.01 -2.66 -18.05
CA ASN A 123 -0.95 -1.63 -19.09
C ASN A 123 -1.35 -0.27 -18.55
N LEU A 124 -1.92 -0.21 -17.35
CA LEU A 124 -2.34 1.02 -16.71
C LEU A 124 -1.74 1.15 -15.32
N ILE A 125 -1.56 2.41 -14.90
CA ILE A 125 -1.24 2.74 -13.52
C ILE A 125 -2.32 3.66 -12.97
N VAL A 126 -2.73 3.44 -11.73
CA VAL A 126 -3.65 4.36 -11.07
C VAL A 126 -2.88 5.03 -9.94
N SER A 127 -3.17 6.31 -9.70
CA SER A 127 -2.45 7.10 -8.72
C SER A 127 -3.44 8.01 -7.99
N GLY A 128 -3.14 8.30 -6.73
CA GLY A 128 -3.94 9.23 -5.97
C GLY A 128 -3.02 10.27 -5.37
N SER A 129 -3.57 11.47 -5.15
CA SER A 129 -2.73 12.62 -4.87
C SER A 129 -3.35 13.50 -3.78
N PHE A 130 -2.49 14.33 -3.19
CA PHE A 130 -2.98 15.38 -2.33
C PHE A 130 -3.82 16.39 -3.10
N ASP A 131 -3.68 16.44 -4.43
CA ASP A 131 -4.52 17.30 -5.27
C ASP A 131 -5.96 16.78 -5.38
N GLU A 132 -6.29 15.69 -4.70
CA GLU A 132 -7.65 15.21 -4.44
C GLU A 132 -8.20 14.47 -5.66
N SER A 133 -7.36 14.18 -6.64
CA SER A 133 -7.76 13.49 -7.85
C SER A 133 -7.16 12.09 -7.89
N VAL A 134 -7.78 11.26 -8.72
CA VAL A 134 -7.25 9.95 -9.07
C VAL A 134 -6.87 10.02 -10.54
N ARG A 135 -5.66 9.66 -10.89
CA ARG A 135 -5.28 9.67 -12.29
C ARG A 135 -5.03 8.26 -12.78
N ILE A 136 -5.40 8.01 -14.02
CA ILE A 136 -5.16 6.74 -14.70
C ILE A 136 -4.23 7.01 -15.86
N TRP A 137 -3.12 6.25 -15.92
CA TRP A 137 -2.02 6.47 -16.83
C TRP A 137 -1.74 5.26 -17.72
N ASP A 138 -1.28 5.55 -18.95
CA ASP A 138 -0.80 4.56 -19.89
C ASP A 138 0.65 4.19 -19.58
N VAL A 139 0.89 2.93 -19.20
CA VAL A 139 2.25 2.50 -18.83
C VAL A 139 3.23 2.73 -19.98
N LYS A 140 2.82 2.43 -21.22
CA LYS A 140 3.75 2.38 -22.34
C LYS A 140 4.19 3.78 -22.79
N THR A 141 3.27 4.74 -22.78
CA THR A 141 3.57 6.12 -23.18
C THR A 141 3.84 7.04 -22.00
N GLY A 142 3.34 6.70 -20.82
CA GLY A 142 3.45 7.62 -19.71
C GLY A 142 2.45 8.74 -19.74
N LYS A 143 1.48 8.69 -20.63
CA LYS A 143 0.53 9.77 -20.71
C LYS A 143 -0.65 9.52 -19.79
N CYS A 144 -1.19 10.62 -19.25
CA CYS A 144 -2.40 10.55 -18.44
C CYS A 144 -3.60 10.27 -19.33
N LEU A 145 -4.34 9.20 -19.03
CA LEU A 145 -5.53 8.90 -19.82
C LEU A 145 -6.79 9.48 -19.20
N LYS A 146 -6.92 9.41 -17.88
CA LYS A 146 -8.10 9.99 -17.24
C LYS A 146 -7.68 10.68 -15.95
N THR A 147 -8.37 11.77 -15.62
CA THR A 147 -8.24 12.44 -14.33
C THR A 147 -9.62 12.44 -13.71
N LEU A 148 -9.76 11.76 -12.61
CA LEU A 148 -11.03 11.64 -11.90
C LEU A 148 -11.09 12.65 -10.76
N PRO A 149 -12.14 13.47 -10.72
CA PRO A 149 -12.35 14.35 -9.55
C PRO A 149 -12.91 13.50 -8.41
N ALA A 150 -12.05 12.64 -7.89
CA ALA A 150 -12.54 11.52 -7.10
C ALA A 150 -12.98 11.92 -5.70
N HIS A 151 -12.39 12.98 -5.13
CA HIS A 151 -12.55 13.25 -3.71
C HIS A 151 -12.37 14.75 -3.47
N SER A 152 -12.67 15.17 -2.23
CA SER A 152 -12.58 16.57 -1.80
C SER A 152 -11.54 16.76 -0.70
N ASP A 153 -10.54 15.90 -0.69
CA ASP A 153 -9.44 15.91 0.27
C ASP A 153 -8.39 14.96 -0.26
N PRO A 154 -7.17 14.95 0.29
CA PRO A 154 -6.13 14.10 -0.28
C PRO A 154 -6.56 12.64 -0.37
N VAL A 155 -6.16 12.01 -1.46
CA VAL A 155 -6.47 10.61 -1.74
C VAL A 155 -5.38 9.75 -1.10
N SER A 156 -5.80 8.86 -0.19
CA SER A 156 -4.89 8.06 0.60
C SER A 156 -4.48 6.73 -0.05
N ALA A 157 -5.33 6.17 -0.92
CA ALA A 157 -5.02 4.86 -1.50
C ALA A 157 -5.79 4.67 -2.80
N VAL A 158 -5.21 3.87 -3.69
CA VAL A 158 -5.85 3.47 -4.94
C VAL A 158 -5.46 2.03 -5.25
N HIS A 159 -6.39 1.27 -5.84
CA HIS A 159 -6.18 -0.15 -6.07
C HIS A 159 -7.18 -0.62 -7.14
N PHE A 160 -6.68 -1.42 -8.08
CA PHE A 160 -7.51 -2.14 -9.05
C PHE A 160 -7.99 -3.44 -8.44
N ASN A 161 -9.17 -3.86 -8.87
CA ASN A 161 -9.63 -5.19 -8.48
C ASN A 161 -8.93 -6.22 -9.35
N ARG A 162 -9.35 -7.46 -9.17
CA ARG A 162 -8.70 -8.61 -9.76
C ARG A 162 -8.77 -8.62 -11.28
N ASP A 163 -9.85 -8.16 -11.91
CA ASP A 163 -9.87 -8.16 -13.38
C ASP A 163 -9.51 -6.83 -14.03
N GLY A 164 -9.18 -5.81 -13.26
CA GLY A 164 -8.84 -4.53 -13.85
C GLY A 164 -10.01 -3.64 -14.16
N SER A 165 -11.25 -4.16 -14.05
CA SER A 165 -12.42 -3.37 -14.43
C SER A 165 -12.81 -2.32 -13.39
N LEU A 166 -12.27 -2.38 -12.17
CA LEU A 166 -12.68 -1.50 -11.09
C LEU A 166 -11.47 -0.91 -10.39
N ILE A 167 -11.64 0.32 -9.91
CA ILE A 167 -10.68 0.99 -9.02
C ILE A 167 -11.40 1.35 -7.73
N VAL A 168 -10.75 1.13 -6.59
CA VAL A 168 -11.27 1.63 -5.31
C VAL A 168 -10.31 2.71 -4.83
N SER A 169 -10.87 3.84 -4.40
CA SER A 169 -10.12 4.95 -3.85
C SER A 169 -10.64 5.27 -2.46
N SER A 170 -9.78 5.90 -1.66
CA SER A 170 -10.09 6.31 -0.31
C SER A 170 -9.51 7.68 -0.10
N SER A 171 -10.10 8.46 0.79
CA SER A 171 -9.63 9.83 0.96
C SER A 171 -9.81 10.29 2.38
N TYR A 172 -9.05 11.34 2.71
CA TYR A 172 -9.32 12.06 3.95
C TYR A 172 -10.72 12.67 3.98
N ASP A 173 -11.44 12.75 2.84
CA ASP A 173 -12.79 13.28 2.97
C ASP A 173 -13.73 12.32 3.65
N GLY A 174 -13.27 11.12 4.02
CA GLY A 174 -14.08 10.16 4.73
C GLY A 174 -14.78 9.16 3.84
N LEU A 175 -14.59 9.22 2.52
CA LEU A 175 -15.32 8.37 1.58
C LEU A 175 -14.42 7.28 1.00
N CYS A 176 -15.02 6.11 0.72
CA CYS A 176 -14.43 5.17 -0.23
C CYS A 176 -15.28 5.15 -1.48
N ARG A 177 -14.65 5.19 -2.63
CA ARG A 177 -15.38 5.16 -3.88
C ARG A 177 -14.88 4.05 -4.77
N ILE A 178 -15.81 3.47 -5.52
CA ILE A 178 -15.56 2.45 -6.52
C ILE A 178 -15.85 3.08 -7.88
N TRP A 179 -14.86 3.03 -8.75
CA TRP A 179 -14.84 3.61 -10.07
C TRP A 179 -14.77 2.54 -11.14
N ASP A 180 -15.51 2.77 -12.22
CA ASP A 180 -15.39 1.96 -13.42
C ASP A 180 -14.13 2.41 -14.15
N THR A 181 -13.19 1.47 -14.33
CA THR A 181 -11.90 1.83 -14.92
C THR A 181 -12.07 2.38 -16.32
N ALA A 182 -12.91 1.72 -17.14
CA ALA A 182 -12.96 2.02 -18.56
C ALA A 182 -13.58 3.40 -18.80
N SER A 183 -14.58 3.78 -18.01
CA SER A 183 -15.22 5.08 -18.19
C SER A 183 -14.75 6.12 -17.20
N GLY A 184 -14.19 5.71 -16.07
CA GLY A 184 -13.83 6.67 -15.03
C GLY A 184 -14.98 7.16 -14.20
N GLN A 185 -16.19 6.64 -14.41
CA GLN A 185 -17.36 7.12 -13.70
C GLN A 185 -17.54 6.34 -12.40
N CYS A 186 -18.15 7.01 -11.42
CA CYS A 186 -18.26 6.42 -10.10
C CYS A 186 -19.35 5.36 -10.10
N LEU A 187 -19.01 4.18 -9.59
CA LEU A 187 -19.98 3.10 -9.47
C LEU A 187 -20.63 3.06 -8.11
N LYS A 188 -19.88 3.41 -7.06
CA LYS A 188 -20.46 3.27 -5.73
C LYS A 188 -19.67 4.16 -4.78
N THR A 189 -20.35 4.80 -3.84
CA THR A 189 -19.71 5.50 -2.73
C THR A 189 -20.10 4.78 -1.45
N LEU A 190 -19.12 4.48 -0.61
CA LEU A 190 -19.33 3.97 0.74
C LEU A 190 -18.99 5.09 1.72
N ILE A 191 -19.97 5.45 2.57
CA ILE A 191 -19.80 6.37 3.69
C ILE A 191 -20.06 5.57 4.97
N ASP A 192 -19.26 5.82 6.01
CA ASP A 192 -19.32 4.92 7.16
C ASP A 192 -20.33 5.25 8.26
N ASP A 193 -20.01 6.20 9.12
CA ASP A 193 -21.06 6.58 10.06
C ASP A 193 -20.98 8.09 10.27
N ASP A 194 -19.76 8.49 10.60
CA ASP A 194 -19.33 9.81 11.04
C ASP A 194 -18.09 10.24 10.26
N ASN A 195 -17.96 9.71 9.02
CA ASN A 195 -16.95 10.13 8.07
C ASN A 195 -15.56 10.32 8.67
N PRO A 196 -15.00 9.37 9.44
CA PRO A 196 -13.58 9.47 9.77
C PRO A 196 -12.75 9.39 8.50
N PRO A 197 -11.61 10.07 8.44
CA PRO A 197 -10.75 9.94 7.26
C PRO A 197 -10.41 8.48 7.00
N VAL A 198 -10.45 8.10 5.72
CA VAL A 198 -10.15 6.75 5.28
C VAL A 198 -8.71 6.79 4.78
N SER A 199 -7.83 6.11 5.50
CA SER A 199 -6.39 6.16 5.31
C SER A 199 -5.85 5.02 4.45
N PHE A 200 -6.67 4.04 4.11
CA PHE A 200 -6.20 2.94 3.27
C PHE A 200 -7.40 2.15 2.80
N VAL A 201 -7.24 1.54 1.62
CA VAL A 201 -8.31 0.72 1.05
C VAL A 201 -7.68 -0.18 -0.02
N LYS A 202 -8.27 -1.36 -0.19
CA LYS A 202 -7.83 -2.29 -1.21
C LYS A 202 -8.86 -3.38 -1.32
N PHE A 203 -9.01 -3.96 -2.53
CA PHE A 203 -9.93 -5.08 -2.70
C PHE A 203 -9.36 -6.34 -2.09
N SER A 204 -10.26 -7.25 -1.71
CA SER A 204 -9.84 -8.58 -1.31
C SER A 204 -9.34 -9.34 -2.53
N PRO A 205 -8.60 -10.43 -2.32
CA PRO A 205 -8.18 -11.25 -3.47
C PRO A 205 -9.32 -11.71 -4.36
N ASN A 206 -10.47 -12.09 -3.80
CA ASN A 206 -11.57 -12.60 -4.61
C ASN A 206 -12.38 -11.49 -5.27
N GLY A 207 -12.04 -10.23 -5.01
CA GLY A 207 -12.70 -9.10 -5.61
C GLY A 207 -14.04 -8.74 -5.02
N LYS A 208 -14.50 -9.47 -4.01
CA LYS A 208 -15.82 -9.23 -3.45
C LYS A 208 -15.82 -8.18 -2.35
N TYR A 209 -14.72 -8.06 -1.60
CA TYR A 209 -14.69 -7.16 -0.46
C TYR A 209 -13.67 -6.06 -0.66
N ILE A 210 -13.82 -4.99 0.13
CA ILE A 210 -12.74 -4.02 0.31
C ILE A 210 -12.39 -3.92 1.79
N LEU A 211 -11.09 -3.86 2.06
CA LEU A 211 -10.54 -3.67 3.38
C LEU A 211 -10.18 -2.20 3.51
N ALA A 212 -10.74 -1.51 4.51
CA ALA A 212 -10.63 -0.05 4.62
C ALA A 212 -10.13 0.31 6.01
N ALA A 213 -9.12 1.16 6.08
CA ALA A 213 -8.63 1.67 7.35
C ALA A 213 -9.11 3.09 7.56
N THR A 214 -9.55 3.42 8.78
CA THR A 214 -9.96 4.78 9.07
C THR A 214 -9.17 5.28 10.26
N LEU A 215 -8.97 6.61 10.33
CA LEU A 215 -8.07 7.16 11.35
C LEU A 215 -8.77 7.27 12.69
N ASP A 216 -9.43 6.19 13.08
CA ASP A 216 -10.02 6.02 14.40
C ASP A 216 -9.69 4.62 14.91
N ASN A 217 -8.50 4.13 14.56
CA ASN A 217 -7.99 2.88 15.09
C ASN A 217 -8.85 1.69 14.64
N THR A 218 -9.31 1.72 13.38
CA THR A 218 -10.27 0.72 12.94
C THR A 218 -10.01 0.30 11.50
N LEU A 219 -9.98 -1.02 11.28
CA LEU A 219 -10.05 -1.63 9.97
C LEU A 219 -11.44 -2.24 9.77
N LYS A 220 -11.99 -2.13 8.57
CA LYS A 220 -13.29 -2.71 8.27
C LYS A 220 -13.26 -3.48 6.97
N LEU A 221 -13.89 -4.65 6.97
CA LEU A 221 -14.10 -5.44 5.76
C LEU A 221 -15.53 -5.20 5.31
N TRP A 222 -15.67 -4.63 4.11
CA TRP A 222 -16.94 -4.30 3.46
C TRP A 222 -17.25 -5.20 2.27
N ASP A 223 -18.51 -5.60 2.15
CA ASP A 223 -19.07 -6.08 0.90
C ASP A 223 -19.59 -4.86 0.16
N TYR A 224 -18.95 -4.48 -0.94
CA TYR A 224 -19.21 -3.14 -1.45
C TYR A 224 -20.43 -3.06 -2.36
N SER A 225 -20.79 -4.16 -3.04
CA SER A 225 -22.05 -4.14 -3.79
C SER A 225 -23.22 -3.92 -2.83
N LYS A 226 -23.20 -4.58 -1.68
CA LYS A 226 -24.23 -4.43 -0.67
C LYS A 226 -24.03 -3.20 0.21
N GLY A 227 -22.86 -2.56 0.16
CA GLY A 227 -22.59 -1.46 1.06
C GLY A 227 -22.62 -1.83 2.52
N LYS A 228 -22.27 -3.07 2.85
CA LYS A 228 -22.42 -3.60 4.21
C LYS A 228 -21.05 -3.89 4.81
N CYS A 229 -20.84 -3.37 6.01
CA CYS A 229 -19.70 -3.80 6.82
C CYS A 229 -19.90 -5.23 7.29
N LEU A 230 -18.90 -6.06 7.08
CA LEU A 230 -18.96 -7.46 7.48
C LEU A 230 -18.05 -7.80 8.64
N LYS A 231 -16.88 -7.16 8.72
CA LYS A 231 -15.97 -7.43 9.82
C LYS A 231 -15.34 -6.10 10.24
N THR A 232 -15.04 -5.96 11.53
CA THR A 232 -14.20 -4.86 11.97
C THR A 232 -13.06 -5.40 12.85
N TYR A 233 -11.92 -4.74 12.75
CA TYR A 233 -10.71 -5.15 13.47
C TYR A 233 -10.16 -3.93 14.20
N THR A 234 -9.93 -4.09 15.51
CA THR A 234 -9.45 -3.03 16.39
C THR A 234 -8.40 -3.60 17.33
N GLY A 235 -7.88 -2.74 18.21
CA GLY A 235 -6.82 -3.10 19.13
C GLY A 235 -5.48 -2.50 18.80
N HIS A 236 -5.31 -2.01 17.57
CA HIS A 236 -4.12 -1.32 17.12
C HIS A 236 -4.33 0.19 17.24
N LYS A 237 -3.25 0.95 17.08
CA LYS A 237 -3.31 2.40 17.14
C LYS A 237 -3.11 2.94 15.73
N ASN A 238 -4.15 3.60 15.20
CA ASN A 238 -4.05 4.20 13.87
C ASN A 238 -4.95 5.43 13.84
N GLU A 239 -4.34 6.58 14.13
CA GLU A 239 -5.02 7.88 14.18
C GLU A 239 -4.28 8.93 13.38
N LYS A 240 -3.08 8.66 12.91
CA LYS A 240 -2.17 9.72 12.45
C LYS A 240 -1.59 9.45 11.07
N TYR A 241 -1.24 8.22 10.75
CA TYR A 241 -0.59 7.90 9.49
C TYR A 241 -1.46 7.01 8.64
N CYS A 242 -1.24 7.09 7.33
CA CYS A 242 -1.87 6.17 6.39
C CYS A 242 -1.05 4.89 6.38
N ILE A 243 -1.51 3.91 7.16
CA ILE A 243 -0.80 2.65 7.38
C ILE A 243 -1.43 1.60 6.46
N PHE A 244 -0.59 0.85 5.75
CA PHE A 244 -1.08 -0.16 4.81
C PHE A 244 -1.69 -1.33 5.58
N ALA A 245 -2.63 -2.03 4.95
CA ALA A 245 -3.18 -3.25 5.51
C ALA A 245 -3.22 -4.33 4.43
N ASN A 246 -3.22 -5.61 4.87
CA ASN A 246 -3.05 -6.71 3.94
C ASN A 246 -3.98 -7.86 4.26
N PHE A 247 -4.35 -8.59 3.21
CA PHE A 247 -4.88 -9.95 3.34
C PHE A 247 -3.69 -10.90 3.28
N SER A 248 -3.50 -11.69 4.33
CA SER A 248 -2.51 -12.76 4.32
C SER A 248 -3.23 -14.05 4.00
N VAL A 249 -2.85 -14.70 2.90
CA VAL A 249 -3.60 -15.84 2.37
C VAL A 249 -2.74 -17.07 2.15
N THR A 250 -1.43 -17.00 2.41
CA THR A 250 -0.56 -18.14 2.12
C THR A 250 -0.80 -19.29 3.06
N GLY A 251 -1.11 -19.00 4.33
CA GLY A 251 -1.42 -20.02 5.30
C GLY A 251 -2.82 -19.84 5.83
N GLY A 252 -2.96 -19.49 7.11
CA GLY A 252 -4.24 -19.06 7.62
C GLY A 252 -4.65 -17.71 7.05
N LYS A 253 -5.95 -17.46 7.02
CA LYS A 253 -6.47 -16.21 6.44
C LYS A 253 -6.41 -15.13 7.52
N TRP A 254 -5.42 -14.25 7.41
CA TRP A 254 -5.27 -13.18 8.39
C TRP A 254 -5.51 -11.82 7.74
N ILE A 255 -5.68 -10.83 8.62
CA ILE A 255 -5.54 -9.42 8.30
C ILE A 255 -4.29 -8.91 8.99
N VAL A 256 -3.45 -8.19 8.26
CA VAL A 256 -2.17 -7.72 8.78
C VAL A 256 -2.10 -6.20 8.66
N SER A 257 -1.57 -5.55 9.69
CA SER A 257 -1.43 -4.10 9.64
C SER A 257 -0.30 -3.63 10.54
N GLY A 258 0.40 -2.59 10.11
CA GLY A 258 1.23 -1.83 11.02
C GLY A 258 0.35 -1.10 12.02
N SER A 259 1.00 -0.41 12.96
CA SER A 259 0.28 0.29 14.01
C SER A 259 1.18 1.39 14.56
N GLU A 260 0.56 2.42 15.13
CA GLU A 260 1.36 3.54 15.61
C GLU A 260 1.99 3.25 16.97
N ASP A 261 1.78 2.06 17.52
CA ASP A 261 2.46 1.63 18.73
C ASP A 261 3.68 0.76 18.42
N ASN A 262 4.24 0.87 17.22
CA ASN A 262 5.47 0.19 16.81
C ASN A 262 5.32 -1.33 16.68
N LEU A 263 4.10 -1.85 16.63
CA LEU A 263 3.88 -3.29 16.51
C LEU A 263 3.26 -3.63 15.16
N VAL A 264 3.43 -4.89 14.75
CA VAL A 264 2.64 -5.44 13.65
C VAL A 264 1.48 -6.21 14.26
N TYR A 265 0.26 -5.90 13.84
CA TYR A 265 -0.92 -6.63 14.30
C TYR A 265 -1.35 -7.63 13.25
N ILE A 266 -1.75 -8.81 13.72
CA ILE A 266 -2.31 -9.86 12.88
C ILE A 266 -3.60 -10.33 13.52
N TRP A 267 -4.68 -10.29 12.73
CA TRP A 267 -6.04 -10.65 13.13
C TRP A 267 -6.48 -11.89 12.37
N ASN A 268 -7.31 -12.70 13.02
CA ASN A 268 -8.04 -13.73 12.31
C ASN A 268 -9.13 -13.06 11.48
N LEU A 269 -9.09 -13.27 10.15
CA LEU A 269 -10.03 -12.57 9.28
C LEU A 269 -11.47 -12.84 9.72
N GLN A 270 -11.77 -14.09 10.08
CA GLN A 270 -13.15 -14.51 10.31
C GLN A 270 -13.65 -14.12 11.70
N THR A 271 -12.86 -14.38 12.73
CA THR A 271 -13.31 -14.12 14.10
C THR A 271 -12.95 -12.74 14.61
N LYS A 272 -12.04 -12.04 13.92
CA LYS A 272 -11.61 -10.67 14.21
C LYS A 272 -10.71 -10.64 15.43
N GLU A 273 -10.37 -11.80 15.99
CA GLU A 273 -9.50 -11.83 17.16
C GLU A 273 -8.07 -11.51 16.74
N ILE A 274 -7.38 -10.72 17.57
CA ILE A 274 -5.95 -10.55 17.38
C ILE A 274 -5.27 -11.88 17.63
N VAL A 275 -4.47 -12.33 16.66
CA VAL A 275 -3.76 -13.59 16.77
C VAL A 275 -2.26 -13.38 16.98
N GLN A 276 -1.71 -12.22 16.61
CA GLN A 276 -0.31 -12.02 16.95
C GLN A 276 0.02 -10.55 16.91
N LYS A 277 0.97 -10.14 17.76
CA LYS A 277 1.55 -8.81 17.70
C LYS A 277 3.07 -8.97 17.62
N LEU A 278 3.66 -8.38 16.60
CA LEU A 278 5.08 -8.54 16.32
C LEU A 278 5.83 -7.35 16.86
N GLN A 279 6.73 -7.63 17.81
CA GLN A 279 7.47 -6.63 18.56
C GLN A 279 8.88 -6.50 17.99
N GLY A 280 9.36 -5.28 17.89
CA GLY A 280 10.76 -5.07 17.54
C GLY A 280 11.08 -3.81 16.78
N HIS A 281 10.16 -3.29 15.98
CA HIS A 281 10.35 -1.94 15.46
C HIS A 281 10.34 -0.94 16.61
N THR A 282 11.05 0.16 16.42
CA THR A 282 11.20 1.20 17.43
C THR A 282 10.59 2.53 16.98
N ASP A 283 9.64 2.46 16.07
CA ASP A 283 8.87 3.62 15.65
C ASP A 283 7.64 3.08 14.94
N VAL A 284 6.75 3.99 14.56
CA VAL A 284 5.50 3.65 13.89
C VAL A 284 5.76 2.67 12.76
N VAL A 285 4.99 1.57 12.72
CA VAL A 285 5.10 0.63 11.61
C VAL A 285 4.14 1.13 10.54
N ILE A 286 4.71 1.77 9.52
CA ILE A 286 3.93 2.46 8.51
C ILE A 286 3.49 1.49 7.42
N SER A 287 4.19 0.39 7.25
CA SER A 287 3.86 -0.43 6.08
C SER A 287 4.13 -1.89 6.38
N THR A 288 3.23 -2.75 5.91
CA THR A 288 3.43 -4.18 5.91
C THR A 288 3.05 -4.74 4.55
N ALA A 289 3.65 -5.87 4.22
CA ALA A 289 3.37 -6.60 2.99
C ALA A 289 3.45 -8.08 3.30
N CYS A 290 2.63 -8.86 2.59
CA CYS A 290 2.61 -10.31 2.74
C CYS A 290 3.13 -10.99 1.48
N HIS A 291 4.06 -11.92 1.66
CA HIS A 291 4.69 -12.60 0.53
C HIS A 291 3.66 -13.40 -0.25
N PRO A 292 3.73 -13.39 -1.59
CA PRO A 292 2.70 -14.09 -2.38
C PRO A 292 2.66 -15.60 -2.22
N THR A 293 3.74 -16.27 -1.79
CA THR A 293 3.68 -17.74 -1.71
C THR A 293 4.14 -18.31 -0.37
N GLU A 294 5.06 -17.64 0.31
CA GLU A 294 5.52 -18.07 1.63
C GLU A 294 4.85 -17.27 2.73
N ASN A 295 4.79 -17.85 3.93
CA ASN A 295 4.28 -17.15 5.13
C ASN A 295 5.36 -16.21 5.65
N ILE A 296 5.51 -15.08 4.95
CA ILE A 296 6.54 -14.09 5.21
C ILE A 296 5.85 -12.72 5.24
N ILE A 297 6.13 -11.94 6.27
CA ILE A 297 5.64 -10.57 6.39
C ILE A 297 6.82 -9.63 6.33
N ALA A 298 6.69 -8.57 5.54
CA ALA A 298 7.65 -7.49 5.54
C ALA A 298 7.01 -6.30 6.25
N SER A 299 7.78 -5.64 7.11
CA SER A 299 7.28 -4.51 7.88
C SER A 299 8.30 -3.39 7.85
N ALA A 300 7.81 -2.14 7.96
CA ALA A 300 8.68 -0.99 7.83
C ALA A 300 8.19 0.15 8.72
N ALA A 301 9.15 0.88 9.30
CA ALA A 301 8.93 1.84 10.36
C ALA A 301 9.50 3.22 10.03
N LEU A 302 9.03 4.22 10.78
CA LEU A 302 9.34 5.63 10.52
C LEU A 302 10.68 6.07 11.10
N GLU A 303 10.85 7.39 11.23
CA GLU A 303 12.17 8.03 11.34
C GLU A 303 13.05 7.44 12.44
N ASN A 304 12.50 7.07 13.58
CA ASN A 304 13.40 6.64 14.64
C ASN A 304 13.87 5.20 14.45
N ASP A 305 13.34 4.52 13.45
CA ASP A 305 13.73 3.15 13.16
C ASP A 305 14.37 3.06 11.78
N LYS A 306 13.63 3.40 10.73
CA LYS A 306 14.05 3.46 9.34
C LYS A 306 14.51 2.11 8.80
N THR A 307 14.21 1.01 9.48
CA THR A 307 14.54 -0.31 8.95
C THR A 307 13.29 -1.02 8.47
N ILE A 308 13.55 -2.11 7.74
CA ILE A 308 12.56 -3.08 7.28
C ILE A 308 12.88 -4.38 7.96
N LYS A 309 11.87 -5.06 8.47
CA LYS A 309 12.01 -6.36 9.11
C LYS A 309 11.22 -7.41 8.34
N LEU A 310 11.80 -8.59 8.19
CA LEU A 310 11.17 -9.74 7.56
C LEU A 310 10.89 -10.76 8.63
N TRP A 311 9.66 -11.21 8.72
CA TRP A 311 9.21 -12.17 9.69
C TRP A 311 8.70 -13.39 8.94
N LYS A 312 8.91 -14.56 9.52
CA LYS A 312 8.46 -15.82 8.90
C LYS A 312 7.69 -16.66 9.92
N SER A 313 6.62 -17.29 9.45
CA SER A 313 5.75 -18.13 10.26
C SER A 313 5.63 -19.51 9.62
N ASP A 314 5.22 -20.52 10.41
CA ASP A 314 4.88 -21.81 9.84
C ASP A 314 3.45 -21.89 9.29
N CYS A 315 2.58 -20.95 9.67
CA CYS A 315 1.19 -20.99 9.19
C CYS A 315 0.64 -19.58 8.98
N MET B 1 4.49 13.83 2.32
CA MET B 1 5.01 12.49 2.68
C MET B 1 4.10 11.69 3.59
N ARG B 2 3.91 10.42 3.21
CA ARG B 2 3.25 9.45 4.07
C ARG B 2 3.92 9.35 5.42
N THR B 3 5.22 9.65 5.48
CA THR B 3 6.04 9.56 6.69
C THR B 3 5.84 10.75 7.63
N HIS B 4 5.06 11.75 7.22
CA HIS B 4 4.76 12.94 7.99
C HIS B 4 3.28 12.92 8.35
N THR B 5 2.93 13.43 9.53
CA THR B 5 1.54 13.62 9.88
C THR B 5 1.37 15.07 10.28
N ASP B 6 0.42 15.75 9.64
CA ASP B 6 0.17 17.16 9.99
C ASP B 6 -1.15 17.36 10.72
#